data_9GBH
#
_entry.id   9GBH
#
_cell.length_a   74.093
_cell.length_b   74.093
_cell.length_c   49.647
_cell.angle_alpha   90.000
_cell.angle_beta   90.000
_cell.angle_gamma   90.000
#
_symmetry.space_group_name_H-M   'P 43'
#
loop_
_entity.id
_entity.type
_entity.pdbx_description
1 polymer Chymase
2 non-polymer 2-acetamido-2-deoxy-beta-D-glucopyranose
3 non-polymer '2-(3,4-dimethoxyphenyl)-3,5-bis(oxidanylidene)-4-[[3-(trifluoromethyl)phenyl]methyl]-1,2,4-triazine-6-carboxylic acid'
4 non-polymer 'ZINC ION'
5 water water
#
_entity_poly.entity_id   1
_entity_poly.type   'polypeptide(L)'
_entity_poly.pdbx_seq_one_letter_code
;IIGGTECKPHSRPYMAYLEIVTSNGPSKFCGGFLIRRNFVLTAAHCAGRSITVTLGAHNITEEEDTWQKLEVIKQFRHPK
YNTSTLHHDIMLLKLKEKASLTLAVGTLPFPSQRNFVPPGRMCRVAGWGRTGVLKPGSDTLQEVKLRLMDPQACSHFRDF
DHNLQLCVGNPRKTKSAFKGDSGGPLLCAGAAQGIVSYGRSDAKPPAVFTRISHYQPWINQILQAN
;
_entity_poly.pdbx_strand_id   AAA
#
# COMPACT_ATOMS: atom_id res chain seq x y z
N ILE A 1 -7.87 -3.15 7.20
CA ILE A 1 -8.89 -3.69 6.26
C ILE A 1 -10.19 -3.92 7.03
N ILE A 2 -11.29 -3.33 6.54
CA ILE A 2 -12.58 -3.44 7.17
C ILE A 2 -13.38 -4.52 6.44
N GLY A 3 -13.89 -5.52 7.19
CA GLY A 3 -14.79 -6.52 6.64
C GLY A 3 -14.05 -7.57 5.81
N GLY A 4 -12.75 -7.72 6.07
CA GLY A 4 -11.97 -8.72 5.37
C GLY A 4 -11.87 -10.01 6.19
N THR A 5 -11.03 -10.92 5.66
CA THR A 5 -10.62 -12.13 6.35
C THR A 5 -9.10 -12.13 6.53
N GLU A 6 -8.64 -12.78 7.60
CA GLU A 6 -7.23 -13.05 7.79
C GLU A 6 -6.72 -13.88 6.62
N CYS A 7 -5.58 -13.42 6.04
CA CYS A 7 -4.89 -14.13 4.99
C CYS A 7 -4.35 -15.46 5.51
N LYS A 8 -4.31 -16.47 4.63
CA LYS A 8 -3.42 -17.60 4.82
C LYS A 8 -1.99 -17.06 4.98
N PRO A 9 -1.26 -17.41 6.06
CA PRO A 9 0.05 -16.83 6.30
C PRO A 9 1.04 -17.00 5.14
N HIS A 10 1.66 -15.87 4.74
CA HIS A 10 2.70 -15.83 3.73
C HIS A 10 2.15 -16.11 2.33
N SER A 11 0.84 -15.96 2.14
CA SER A 11 0.20 -16.24 0.86
C SER A 11 0.30 -15.02 -0.06
N ARG A 12 0.84 -13.92 0.46
CA ARG A 12 0.99 -12.72 -0.34
C ARG A 12 2.41 -12.22 -0.14
N PRO A 13 3.40 -12.94 -0.73
CA PRO A 13 4.80 -12.84 -0.35
C PRO A 13 5.53 -11.55 -0.72
N TYR A 14 4.88 -10.77 -1.58
CA TYR A 14 5.38 -9.46 -1.95
C TYR A 14 5.00 -8.38 -0.92
N MET A 15 4.08 -8.64 0.02
CA MET A 15 3.60 -7.60 0.94
C MET A 15 4.69 -7.12 1.90
N ALA A 16 4.74 -5.80 2.11
CA ALA A 16 5.76 -5.17 2.93
C ALA A 16 5.09 -4.34 4.02
N TYR A 17 5.65 -4.42 5.23
CA TYR A 17 5.18 -3.63 6.34
C TYR A 17 6.20 -2.50 6.57
N LEU A 18 5.68 -1.27 6.56
CA LEU A 18 6.53 -0.09 6.67
C LEU A 18 6.32 0.54 8.03
N GLU A 19 7.40 0.71 8.79
CA GLU A 19 7.41 1.59 9.95
C GLU A 19 8.08 2.91 9.54
N ILE A 20 7.34 4.01 9.70
CA ILE A 20 7.79 5.31 9.23
C ILE A 20 8.11 6.23 10.41
N VAL A 21 9.36 6.73 10.44
CA VAL A 21 9.86 7.56 11.53
C VAL A 21 9.85 9.01 11.04
N THR A 22 9.28 9.91 11.86
CA THR A 22 9.38 11.36 11.74
C THR A 22 10.07 11.95 12.97
N SER A 23 10.50 13.23 12.89
CA SER A 23 11.29 13.90 13.92
C SER A 23 10.43 14.43 15.08
N ASN A 24 9.16 14.73 14.80
CA ASN A 24 8.30 15.43 15.74
C ASN A 24 7.14 14.53 16.20
N GLY A 25 7.15 13.23 15.89
CA GLY A 25 6.04 12.37 16.26
C GLY A 25 6.47 10.91 16.43
N PRO A 26 5.64 10.03 17.03
CA PRO A 26 5.94 8.60 17.09
C PRO A 26 5.84 7.87 15.74
N SER A 27 6.21 6.59 15.71
CA SER A 27 6.21 5.82 14.48
C SER A 27 4.82 5.82 13.83
N LYS A 28 4.81 5.89 12.49
CA LYS A 28 3.63 5.68 11.65
C LYS A 28 3.80 4.37 10.90
N PHE A 29 2.69 3.82 10.38
CA PHE A 29 2.75 2.51 9.76
C PHE A 29 2.10 2.55 8.37
N CYS A 30 2.71 1.89 7.37
CA CYS A 30 2.09 1.80 6.06
C CYS A 30 2.24 0.38 5.54
N GLY A 31 1.49 0.06 4.50
CA GLY A 31 1.79 -1.06 3.62
C GLY A 31 2.59 -0.63 2.40
N GLY A 32 2.79 -1.62 1.51
CA GLY A 32 3.72 -1.55 0.39
C GLY A 32 3.96 -2.94 -0.21
N PHE A 33 4.68 -3.00 -1.34
CA PHE A 33 4.86 -4.25 -2.05
C PHE A 33 6.19 -4.27 -2.82
N LEU A 34 6.84 -5.45 -2.81
CA LEU A 34 8.14 -5.68 -3.40
C LEU A 34 7.99 -5.95 -4.91
N ILE A 35 8.63 -5.10 -5.72
CA ILE A 35 8.60 -5.21 -7.18
C ILE A 35 9.99 -5.55 -7.72
N ARG A 36 11.07 -5.15 -7.03
CA ARG A 36 12.38 -5.74 -7.25
C ARG A 36 12.92 -6.20 -5.91
N ARG A 37 13.97 -7.04 -5.91
CA ARG A 37 14.56 -7.49 -4.66
C ARG A 37 15.06 -6.32 -3.81
N ASN A 38 15.40 -5.17 -4.44
CA ASN A 38 15.80 -4.01 -3.65
C ASN A 38 14.89 -2.79 -3.83
N PHE A 39 13.65 -2.99 -4.28
CA PHE A 39 12.72 -1.88 -4.39
C PHE A 39 11.32 -2.28 -3.95
N VAL A 40 10.69 -1.33 -3.24
CA VAL A 40 9.35 -1.46 -2.71
C VAL A 40 8.54 -0.28 -3.17
N LEU A 41 7.33 -0.58 -3.67
CA LEU A 41 6.41 0.44 -4.11
C LEU A 41 5.38 0.69 -3.01
N THR A 42 5.02 1.97 -2.83
CA THR A 42 4.09 2.38 -1.78
C THR A 42 3.58 3.77 -2.13
N ALA A 43 2.89 4.40 -1.17
CA ALA A 43 2.28 5.70 -1.37
C ALA A 43 3.22 6.78 -0.86
N ALA A 44 3.23 7.94 -1.52
CA ALA A 44 4.10 9.03 -1.16
C ALA A 44 3.77 9.60 0.22
N HIS A 45 2.50 9.53 0.66
CA HIS A 45 2.12 10.12 1.94
C HIS A 45 2.70 9.28 3.07
N CYS A 46 3.27 8.13 2.72
CA CYS A 46 3.95 7.29 3.69
C CYS A 46 5.42 7.72 3.86
N ALA A 47 5.89 8.78 3.17
CA ALA A 47 7.26 9.28 3.33
C ALA A 47 7.53 9.78 4.75
N GLY A 48 8.80 9.71 5.15
CA GLY A 48 9.26 10.29 6.41
C GLY A 48 10.77 10.52 6.45
N ARG A 49 11.28 10.73 7.68
CA ARG A 49 12.70 10.95 7.89
C ARG A 49 13.47 9.65 7.62
N SER A 50 12.93 8.51 8.06
CA SER A 50 13.49 7.20 7.71
C SER A 50 12.42 6.12 7.75
N ILE A 51 12.70 5.01 7.05
CA ILE A 51 11.74 3.92 6.91
C ILE A 51 12.46 2.59 7.02
N THR A 52 11.83 1.65 7.73
CA THR A 52 12.30 0.27 7.81
C THR A 52 11.19 -0.60 7.24
N VAL A 53 11.57 -1.56 6.41
CA VAL A 53 10.65 -2.45 5.75
C VAL A 53 10.75 -3.84 6.39
N THR A 54 9.58 -4.46 6.66
CA THR A 54 9.51 -5.84 7.09
C THR A 54 8.81 -6.67 6.01
N LEU A 55 9.57 -7.60 5.40
CA LEU A 55 9.03 -8.61 4.50
C LEU A 55 8.93 -9.92 5.26
N GLY A 56 8.10 -10.82 4.73
CA GLY A 56 7.95 -12.16 5.26
C GLY A 56 6.97 -12.23 6.43
N ALA A 57 6.28 -11.10 6.72
CA ALA A 57 5.40 -11.02 7.89
C ALA A 57 4.00 -11.53 7.61
N HIS A 58 3.41 -12.13 8.65
CA HIS A 58 1.97 -12.31 8.75
C HIS A 58 1.47 -11.66 10.04
N ASN A 59 1.74 -12.31 11.18
CA ASN A 59 1.50 -11.76 12.49
C ASN A 59 2.66 -10.83 12.87
N ILE A 60 2.39 -9.53 12.82
CA ILE A 60 3.45 -8.54 12.87
C ILE A 60 4.00 -8.37 14.29
N THR A 61 3.40 -9.01 15.32
CA THR A 61 3.92 -8.89 16.68
C THR A 61 4.80 -10.08 17.06
N GLU A 62 4.72 -11.21 16.30
CA GLU A 62 5.40 -12.49 16.58
C GLU A 62 6.51 -12.68 15.53
N GLU A 63 7.76 -12.42 15.93
CA GLU A 63 8.93 -12.49 15.07
C GLU A 63 9.24 -13.95 14.70
N GLU A 64 9.52 -14.18 13.42
CA GLU A 64 9.73 -15.52 12.88
C GLU A 64 10.86 -15.51 11.83
N ASP A 65 11.26 -16.69 11.40
CA ASP A 65 12.37 -16.85 10.49
C ASP A 65 12.07 -16.26 9.12
N THR A 66 10.80 -16.23 8.73
CA THR A 66 10.43 -15.61 7.46
C THR A 66 10.77 -14.11 7.43
N TRP A 67 10.90 -13.44 8.60
CA TRP A 67 11.05 -11.99 8.62
C TRP A 67 12.36 -11.58 7.96
N GLN A 68 12.28 -10.58 7.11
CA GLN A 68 13.48 -9.83 6.71
C GLN A 68 13.20 -8.37 7.01
N LYS A 69 13.93 -7.79 7.98
CA LYS A 69 13.81 -6.39 8.32
C LYS A 69 14.89 -5.63 7.57
N LEU A 70 14.50 -4.70 6.70
CA LEU A 70 15.47 -4.17 5.75
C LEU A 70 15.49 -2.65 5.86
N GLU A 71 16.71 -2.13 5.84
CA GLU A 71 16.97 -0.70 5.81
C GLU A 71 16.56 -0.14 4.45
N VAL A 72 15.97 1.07 4.49
CA VAL A 72 15.73 1.88 3.32
C VAL A 72 16.84 2.92 3.18
N ILE A 73 17.55 2.93 2.04
CA ILE A 73 18.66 3.86 1.88
CA ILE A 73 18.68 3.83 1.80
C ILE A 73 18.18 5.17 1.24
N LYS A 74 17.14 5.12 0.39
CA LYS A 74 16.65 6.32 -0.29
C LYS A 74 15.15 6.18 -0.61
N GLN A 75 14.45 7.31 -0.47
CA GLN A 75 13.03 7.42 -0.78
C GLN A 75 12.89 8.23 -2.06
N PHE A 76 12.09 7.73 -2.98
CA PHE A 76 11.83 8.47 -4.20
C PHE A 76 10.35 8.76 -4.32
N ARG A 77 9.96 9.95 -3.86
CA ARG A 77 8.59 10.42 -3.96
C ARG A 77 8.43 10.96 -5.38
N HIS A 78 7.29 10.67 -6.00
CA HIS A 78 6.95 11.29 -7.27
C HIS A 78 7.25 12.77 -7.18
N PRO A 79 7.94 13.38 -8.16
CA PRO A 79 8.28 14.80 -8.08
C PRO A 79 7.08 15.73 -8.14
N LYS A 80 5.87 15.22 -8.38
CA LYS A 80 4.71 16.08 -8.48
C LYS A 80 3.69 15.74 -7.39
N TYR A 81 4.08 14.89 -6.44
CA TYR A 81 3.26 14.58 -5.27
C TYR A 81 2.77 15.86 -4.60
N ASN A 82 1.46 15.93 -4.34
CA ASN A 82 0.87 17.09 -3.72
C ASN A 82 0.22 16.65 -2.40
N THR A 83 0.66 17.25 -1.30
CA THR A 83 0.26 16.81 0.03
C THR A 83 -1.19 17.21 0.35
N SER A 84 -1.77 18.15 -0.40
CA SER A 84 -3.16 18.55 -0.17
C SER A 84 -4.16 17.69 -0.94
N THR A 85 -3.87 17.40 -2.23
CA THR A 85 -4.78 16.69 -3.15
C THR A 85 -4.51 15.18 -3.13
N LEU A 86 -3.32 14.81 -2.63
CA LEU A 86 -2.73 13.49 -2.80
C LEU A 86 -2.69 13.09 -4.27
N HIS A 87 -2.61 14.06 -5.18
CA HIS A 87 -2.26 13.74 -6.55
C HIS A 87 -0.89 13.04 -6.59
N HIS A 88 -0.78 11.97 -7.39
CA HIS A 88 0.50 11.35 -7.66
C HIS A 88 1.06 10.77 -6.35
N ASP A 89 0.20 10.02 -5.65
CA ASP A 89 0.53 9.43 -4.35
C ASP A 89 1.23 8.10 -4.57
N ILE A 90 2.53 8.18 -4.93
CA ILE A 90 3.31 7.02 -5.26
C ILE A 90 4.77 7.28 -4.91
N MET A 91 5.41 6.28 -4.36
CA MET A 91 6.79 6.40 -3.93
C MET A 91 7.51 5.07 -4.12
N LEU A 92 8.78 5.15 -4.55
CA LEU A 92 9.68 4.01 -4.58
C LEU A 92 10.68 4.07 -3.43
N LEU A 93 10.91 2.92 -2.76
CA LEU A 93 11.91 2.79 -1.71
C LEU A 93 13.00 1.81 -2.11
N LYS A 94 14.27 2.26 -2.08
CA LYS A 94 15.40 1.43 -2.43
C LYS A 94 15.92 0.79 -1.16
N LEU A 95 16.04 -0.54 -1.16
CA LEU A 95 16.52 -1.25 0.01
C LEU A 95 18.04 -1.30 -0.02
N LYS A 96 18.68 -1.29 1.17
CA LYS A 96 20.13 -1.28 1.27
CA LYS A 96 20.13 -1.29 1.27
C LYS A 96 20.69 -2.52 0.55
N GLU A 97 20.01 -3.65 0.69
CA GLU A 97 20.44 -4.87 0.03
C GLU A 97 19.26 -5.52 -0.67
N LYS A 98 19.58 -6.48 -1.53
CA LYS A 98 18.58 -7.30 -2.15
C LYS A 98 18.09 -8.27 -1.09
N ALA A 99 16.78 -8.30 -0.91
CA ALA A 99 16.12 -9.29 -0.10
C ALA A 99 16.40 -10.71 -0.63
N SER A 100 16.32 -11.67 0.29
CA SER A 100 16.39 -13.08 -0.05
C SER A 100 15.06 -13.50 -0.66
N LEU A 101 15.11 -14.37 -1.67
CA LEU A 101 13.91 -15.01 -2.21
C LEU A 101 13.63 -16.24 -1.37
N THR A 102 12.44 -16.28 -0.75
CA THR A 102 11.96 -17.45 -0.06
C THR A 102 10.51 -17.72 -0.44
N LEU A 103 9.96 -18.82 0.10
CA LEU A 103 8.53 -19.09 -0.03
C LEU A 103 7.74 -17.89 0.47
N ALA A 104 8.21 -17.26 1.54
CA ALA A 104 7.42 -16.24 2.21
C ALA A 104 7.71 -14.83 1.68
N VAL A 105 8.76 -14.69 0.85
CA VAL A 105 9.15 -13.39 0.33
C VAL A 105 9.50 -13.52 -1.15
N GLY A 106 8.81 -12.75 -2.00
CA GLY A 106 9.05 -12.74 -3.44
C GLY A 106 8.56 -11.45 -4.07
N THR A 107 8.97 -11.17 -5.32
CA THR A 107 8.57 -9.97 -6.03
C THR A 107 7.21 -10.20 -6.70
N LEU A 108 6.43 -9.14 -6.83
CA LEU A 108 5.22 -9.24 -7.62
C LEU A 108 5.53 -8.84 -9.07
N GLY A 120 -16.86 -2.70 -13.61
CA GLY A 120 -17.32 -3.34 -12.34
C GLY A 120 -16.70 -4.72 -12.04
N ARG A 121 -15.36 -4.84 -12.19
CA ARG A 121 -14.68 -6.11 -11.92
C ARG A 121 -14.19 -6.12 -10.47
N MET A 122 -13.96 -7.32 -9.92
CA MET A 122 -13.59 -7.49 -8.52
C MET A 122 -12.06 -7.52 -8.37
N CYS A 123 -11.54 -6.82 -7.36
CA CYS A 123 -10.11 -6.71 -7.11
C CYS A 123 -9.85 -7.04 -5.64
N ARG A 124 -8.59 -7.30 -5.28
CA ARG A 124 -8.27 -7.64 -3.90
C ARG A 124 -7.23 -6.66 -3.38
N VAL A 125 -7.33 -6.32 -2.09
CA VAL A 125 -6.33 -5.52 -1.40
C VAL A 125 -6.07 -6.11 -0.02
N ALA A 126 -4.82 -5.97 0.45
CA ALA A 126 -4.39 -6.52 1.73
C ALA A 126 -3.57 -5.51 2.54
N GLY A 127 -3.58 -5.71 3.88
CA GLY A 127 -2.87 -4.82 4.80
C GLY A 127 -3.07 -5.12 6.28
N TRP A 128 -2.32 -4.37 7.09
CA TRP A 128 -2.26 -4.52 8.53
C TRP A 128 -3.02 -3.38 9.19
N GLY A 129 -3.86 -2.68 8.42
CA GLY A 129 -4.48 -1.48 8.95
C GLY A 129 -5.63 -1.82 9.90
N ARG A 130 -6.26 -0.75 10.41
CA ARG A 130 -7.42 -0.81 11.30
C ARG A 130 -8.54 -1.59 10.63
N THR A 131 -9.28 -2.34 11.48
CA THR A 131 -10.35 -3.23 11.07
C THR A 131 -11.71 -2.55 11.21
N GLY A 132 -11.71 -1.28 11.61
CA GLY A 132 -12.92 -0.52 11.88
C GLY A 132 -12.55 0.88 12.34
N VAL A 133 -13.54 1.78 12.40
CA VAL A 133 -13.24 3.18 12.65
C VAL A 133 -12.46 3.32 13.96
N LEU A 134 -12.89 2.64 15.03
CA LEU A 134 -12.23 2.82 16.32
C LEU A 134 -11.38 1.60 16.70
N LYS A 135 -11.29 0.64 15.77
CA LYS A 135 -10.50 -0.59 16.01
C LYS A 135 -9.02 -0.27 15.80
N PRO A 136 -8.10 -0.94 16.53
CA PRO A 136 -6.67 -0.73 16.31
C PRO A 136 -6.18 -1.52 15.10
N GLY A 137 -4.94 -1.27 14.68
CA GLY A 137 -4.34 -1.99 13.56
C GLY A 137 -4.36 -3.49 13.79
N SER A 138 -4.57 -4.24 12.73
CA SER A 138 -4.61 -5.70 12.78
C SER A 138 -3.23 -6.25 13.10
N ASP A 139 -3.17 -7.30 13.94
CA ASP A 139 -1.92 -8.00 14.19
C ASP A 139 -1.48 -8.74 12.92
N THR A 140 -2.47 -9.21 12.16
CA THR A 140 -2.26 -10.18 11.10
C THR A 140 -2.61 -9.55 9.76
N LEU A 141 -2.00 -10.05 8.68
CA LEU A 141 -2.33 -9.58 7.36
C LEU A 141 -3.77 -9.97 7.05
N GLN A 142 -4.55 -8.95 6.62
CA GLN A 142 -5.95 -9.09 6.23
C GLN A 142 -6.13 -8.73 4.75
N GLU A 143 -7.14 -9.36 4.11
CA GLU A 143 -7.48 -9.08 2.73
C GLU A 143 -8.99 -9.03 2.51
N VAL A 144 -9.39 -8.21 1.53
CA VAL A 144 -10.79 -8.07 1.18
C VAL A 144 -10.89 -7.91 -0.34
N LYS A 145 -12.07 -8.31 -0.87
CA LYS A 145 -12.44 -8.12 -2.26
C LYS A 145 -13.34 -6.89 -2.36
N LEU A 146 -13.00 -5.99 -3.28
CA LEU A 146 -13.70 -4.73 -3.46
C LEU A 146 -14.02 -4.58 -4.93
N ARG A 147 -15.07 -3.81 -5.23
CA ARG A 147 -15.47 -3.57 -6.61
C ARG A 147 -14.79 -2.29 -7.10
N LEU A 148 -14.26 -2.35 -8.33
CA LEU A 148 -13.83 -1.20 -9.08
C LEU A 148 -15.07 -0.45 -9.61
N MET A 149 -15.16 0.85 -9.28
CA MET A 149 -16.36 1.63 -9.54
C MET A 149 -16.09 2.61 -10.68
N ASP A 150 -17.15 2.97 -11.40
CA ASP A 150 -17.09 4.07 -12.35
C ASP A 150 -16.73 5.34 -11.60
N PRO A 151 -16.03 6.28 -12.25
CA PRO A 151 -15.44 7.41 -11.54
C PRO A 151 -16.44 8.36 -10.89
N GLN A 152 -17.68 8.41 -11.37
CA GLN A 152 -18.70 9.24 -10.75
C GLN A 152 -18.96 8.81 -9.30
N ALA A 153 -18.61 7.57 -8.95
CA ALA A 153 -18.83 7.10 -7.60
C ALA A 153 -17.89 7.83 -6.62
N CYS A 154 -16.74 8.33 -7.11
CA CYS A 154 -15.79 9.08 -6.29
C CYS A 154 -15.82 10.60 -6.50
N SER A 155 -16.92 11.15 -7.03
CA SER A 155 -17.03 12.57 -7.37
C SER A 155 -16.95 13.48 -6.15
N HIS A 156 -17.56 13.05 -5.04
CA HIS A 156 -17.54 13.79 -3.79
C HIS A 156 -16.12 14.11 -3.29
N PHE A 157 -15.11 13.32 -3.69
CA PHE A 157 -13.72 13.66 -3.47
C PHE A 157 -13.34 14.62 -4.58
N ARG A 158 -13.24 15.91 -4.23
CA ARG A 158 -13.32 16.96 -5.21
C ARG A 158 -12.08 16.94 -6.11
N ASP A 159 -10.95 16.43 -5.61
CA ASP A 159 -9.69 16.46 -6.35
C ASP A 159 -9.35 15.08 -6.90
N PHE A 160 -10.29 14.14 -6.81
CA PHE A 160 -10.14 12.85 -7.49
C PHE A 160 -10.13 13.06 -9.00
N ASP A 161 -9.34 12.23 -9.70
CA ASP A 161 -9.21 12.37 -11.14
C ASP A 161 -9.07 10.98 -11.76
N HIS A 162 -9.97 10.71 -12.72
CA HIS A 162 -10.14 9.39 -13.29
C HIS A 162 -8.88 8.90 -14.02
N ASN A 163 -8.15 9.79 -14.72
CA ASN A 163 -6.89 9.40 -15.35
C ASN A 163 -5.81 8.99 -14.35
N LEU A 164 -5.82 9.58 -13.14
CA LEU A 164 -4.76 9.41 -12.17
C LEU A 164 -5.03 8.27 -11.22
N GLN A 165 -6.30 7.91 -11.01
CA GLN A 165 -6.76 7.22 -9.80
C GLN A 165 -7.93 6.28 -10.10
N LEU A 166 -8.05 5.20 -9.32
CA LEU A 166 -9.18 4.28 -9.36
C LEU A 166 -10.15 4.58 -8.22
N CYS A 167 -11.42 4.32 -8.48
CA CYS A 167 -12.48 4.44 -7.51
C CYS A 167 -12.88 3.02 -7.08
N VAL A 168 -12.68 2.72 -5.78
CA VAL A 168 -12.63 1.34 -5.31
C VAL A 168 -13.51 1.18 -4.06
N GLY A 169 -14.52 0.31 -4.18
CA GLY A 169 -15.34 -0.07 -3.05
C GLY A 169 -16.79 0.31 -3.23
N ASN A 170 -17.63 -0.69 -3.44
CA ASN A 170 -19.09 -0.54 -3.45
C ASN A 170 -19.56 0.22 -2.22
N PRO A 171 -20.23 1.39 -2.40
CA PRO A 171 -20.76 2.17 -1.28
C PRO A 171 -21.91 1.53 -0.53
N ARG A 172 -22.51 0.47 -1.09
CA ARG A 172 -23.57 -0.27 -0.43
C ARG A 172 -23.03 -1.28 0.60
N LYS A 173 -21.70 -1.49 0.66
CA LYS A 173 -21.11 -2.48 1.56
C LYS A 173 -20.19 -1.79 2.56
N THR A 174 -19.74 -2.52 3.60
CA THR A 174 -18.82 -1.97 4.59
C THR A 174 -17.36 -2.16 4.16
N LYS A 175 -17.08 -3.26 3.45
CA LYS A 175 -15.73 -3.67 3.07
C LYS A 175 -14.95 -2.51 2.47
N SER A 176 -13.70 -2.36 2.89
CA SER A 176 -12.88 -1.21 2.54
C SER A 176 -11.47 -1.36 3.09
N ALA A 177 -10.51 -0.78 2.40
CA ALA A 177 -9.23 -0.51 3.03
C ALA A 177 -9.40 0.72 3.92
N PHE A 178 -8.58 0.84 4.96
CA PHE A 178 -8.69 1.93 5.93
C PHE A 178 -7.29 2.29 6.45
N LYS A 179 -7.22 3.12 7.50
CA LYS A 179 -5.95 3.65 7.96
C LYS A 179 -4.99 2.50 8.28
N GLY A 180 -3.74 2.69 7.87
CA GLY A 180 -2.71 1.69 7.98
C GLY A 180 -2.60 0.83 6.73
N ASP A 181 -3.57 0.94 5.80
CA ASP A 181 -3.54 0.06 4.63
C ASP A 181 -2.91 0.79 3.43
N SER A 182 -2.64 2.08 3.62
CA SER A 182 -1.98 2.94 2.65
C SER A 182 -0.70 2.31 2.14
N GLY A 183 -0.48 2.44 0.82
CA GLY A 183 0.73 1.95 0.17
C GLY A 183 0.57 0.55 -0.41
N GLY A 184 -0.40 -0.22 0.12
CA GLY A 184 -0.59 -1.60 -0.27
C GLY A 184 -1.14 -1.69 -1.68
N PRO A 185 -0.89 -2.79 -2.41
CA PRO A 185 -1.39 -2.97 -3.77
C PRO A 185 -2.85 -3.39 -3.87
N LEU A 186 -3.53 -2.92 -4.92
CA LEU A 186 -4.81 -3.48 -5.32
C LEU A 186 -4.55 -4.44 -6.47
N LEU A 187 -4.84 -5.70 -6.27
CA LEU A 187 -4.63 -6.67 -7.35
C LEU A 187 -5.96 -7.02 -8.00
N CYS A 188 -5.99 -6.99 -9.33
CA CYS A 188 -7.18 -7.40 -10.08
C CYS A 188 -6.73 -8.48 -11.05
N ALA A 189 -7.36 -9.67 -10.95
CA ALA A 189 -6.96 -10.83 -11.75
C ALA A 189 -5.46 -11.04 -11.65
N GLY A 190 -4.92 -11.01 -10.43
CA GLY A 190 -3.54 -11.41 -10.19
C GLY A 190 -2.50 -10.30 -10.43
N ALA A 191 -2.93 -9.12 -10.90
CA ALA A 191 -2.00 -8.08 -11.31
C ALA A 191 -2.25 -6.80 -10.54
N ALA A 192 -1.16 -6.18 -10.11
CA ALA A 192 -1.23 -4.92 -9.39
C ALA A 192 -1.74 -3.80 -10.31
N GLN A 193 -2.88 -3.21 -9.94
CA GLN A 193 -3.50 -2.12 -10.70
C GLN A 193 -3.52 -0.82 -9.91
N GLY A 194 -3.53 -0.91 -8.57
CA GLY A 194 -3.66 0.29 -7.77
C GLY A 194 -2.81 0.27 -6.50
N ILE A 195 -2.77 1.44 -5.85
CA ILE A 195 -2.11 1.63 -4.57
C ILE A 195 -3.10 2.36 -3.65
N VAL A 196 -3.23 1.90 -2.42
CA VAL A 196 -4.14 2.52 -1.47
C VAL A 196 -3.65 3.94 -1.18
N SER A 197 -4.54 4.95 -1.38
CA SER A 197 -4.19 6.36 -1.15
C SER A 197 -5.04 6.96 -0.03
N TYR A 198 -6.35 7.17 -0.22
CA TYR A 198 -7.15 7.89 0.78
C TYR A 198 -8.63 7.57 0.67
N GLY A 199 -9.34 7.88 1.77
CA GLY A 199 -10.80 7.90 1.79
C GLY A 199 -11.34 8.68 2.99
N ARG A 200 -12.63 8.45 3.33
CA ARG A 200 -13.28 9.20 4.41
C ARG A 200 -12.89 8.64 5.76
N SER A 201 -12.83 9.54 6.75
CA SER A 201 -12.69 9.20 8.16
C SER A 201 -13.72 8.19 8.68
N ASP A 202 -14.95 8.24 8.15
CA ASP A 202 -16.01 7.36 8.60
C ASP A 202 -15.91 6.01 7.90
N ALA A 203 -15.01 5.89 6.90
CA ALA A 203 -14.73 4.63 6.24
C ALA A 203 -15.88 4.17 5.34
N LYS A 204 -16.76 5.08 4.98
CA LYS A 204 -17.76 4.74 3.98
C LYS A 204 -17.10 4.73 2.62
N PRO A 205 -17.12 3.60 1.89
CA PRO A 205 -16.53 3.55 0.56
C PRO A 205 -17.37 4.32 -0.46
N PRO A 206 -16.85 4.60 -1.68
CA PRO A 206 -15.53 4.12 -2.09
C PRO A 206 -14.35 4.94 -1.56
N ALA A 207 -13.17 4.34 -1.74
CA ALA A 207 -11.87 4.91 -1.40
C ALA A 207 -11.09 5.24 -2.68
N VAL A 208 -10.11 6.13 -2.57
CA VAL A 208 -9.30 6.51 -3.72
C VAL A 208 -7.96 5.76 -3.70
N PHE A 209 -7.61 5.16 -4.85
CA PHE A 209 -6.37 4.44 -5.08
C PHE A 209 -5.62 5.06 -6.26
N THR A 210 -4.29 5.16 -6.15
CA THR A 210 -3.44 5.53 -7.26
C THR A 210 -3.56 4.53 -8.43
N ARG A 211 -3.75 5.05 -9.65
CA ARG A 211 -3.78 4.22 -10.85
C ARG A 211 -2.34 4.01 -11.35
N ILE A 212 -1.82 2.78 -11.15
CA ILE A 212 -0.42 2.45 -11.38
C ILE A 212 -0.04 2.64 -12.85
N SER A 213 -0.93 2.27 -13.78
CA SER A 213 -0.65 2.30 -15.20
C SER A 213 -0.09 3.66 -15.61
N HIS A 214 -0.68 4.75 -15.12
CA HIS A 214 -0.26 6.09 -15.52
C HIS A 214 1.19 6.38 -15.13
N TYR A 215 1.74 5.67 -14.12
CA TYR A 215 3.00 6.01 -13.50
C TYR A 215 4.13 5.06 -13.93
N GLN A 216 3.79 4.06 -14.74
CA GLN A 216 4.72 3.04 -15.20
C GLN A 216 5.97 3.66 -15.82
N PRO A 217 5.90 4.67 -16.72
CA PRO A 217 7.11 5.29 -17.27
C PRO A 217 7.97 5.93 -16.19
N TRP A 218 7.32 6.50 -15.17
CA TRP A 218 8.07 7.08 -14.08
C TRP A 218 8.72 5.98 -13.23
N ILE A 219 7.98 4.91 -12.94
CA ILE A 219 8.56 3.78 -12.22
C ILE A 219 9.83 3.31 -12.94
N ASN A 220 9.76 3.09 -14.26
CA ASN A 220 10.86 2.55 -15.04
C ASN A 220 12.07 3.48 -15.08
N GLN A 221 11.84 4.79 -15.16
CA GLN A 221 12.93 5.76 -15.07
C GLN A 221 13.68 5.60 -13.74
N ILE A 222 12.96 5.53 -12.61
CA ILE A 222 13.63 5.40 -11.32
C ILE A 222 14.45 4.09 -11.26
N LEU A 223 13.87 2.94 -11.65
CA LEU A 223 14.63 1.69 -11.55
C LEU A 223 15.92 1.75 -12.38
N GLN A 224 15.88 2.32 -13.59
CA GLN A 224 16.99 2.25 -14.53
C GLN A 224 18.13 3.18 -14.12
N ALA A 225 17.88 4.12 -13.20
CA ALA A 225 18.87 5.09 -12.75
C ALA A 225 19.48 4.67 -11.42
N ASN A 226 18.96 3.60 -10.81
CA ASN A 226 19.30 3.25 -9.43
C ASN A 226 19.60 1.74 -9.35
#